data_1K4T
#
_entry.id   1K4T
#
_cell.length_a   57.093
_cell.length_b   116.260
_cell.length_c   75.217
_cell.angle_alpha   90.00
_cell.angle_beta   94.16
_cell.angle_gamma   90.00
#
_symmetry.space_group_name_H-M   'P 1 21 1'
#
loop_
_entity.id
_entity.type
_entity.pdbx_description
1 polymer "5'-D(*AP*AP*AP*AP*AP*GP*AP*CP*TP*T)-3'"
2 polymer "5'-D(*(TGP)P*GP*AP*AP*AP*AP*AP*TP*TP*TP*TP*T)-3'"
3 polymer "5'-D(*AP*AP*AP*AP*AP*TP*TP*TP*TP*TP*CP*CP*AP*AP*GP*TP*CP*TP*TP*TP*TP*T)-3'"
4 polymer 'DNA topoisomerase I'
5 non-polymer '2-(1-DIMETHYLAMINOMETHYL-2-HYDROXY-8-HYDROXYMETHYL-9-OXO-9,11-DIHYDRO-INDOLIZINO[1,2-B]QUINOLIN-7-YL)-2-HYDROXY-BUTYRIC ACID'
6 non-polymer "(S)-10-[(DIMETHYLAMINO)METHYL]-4-ETHYL-4,9-DIHYDROXY-1H-PYRANO[3',4':6,7]INOLIZINO[1,2-B]-QUINOLINE-3,14(4H,12H)-DIONE"
7 non-polymer 'MERCURY (II) ION'
8 non-polymer 'TETRAETHYLENE GLYCOL'
9 water water
#
loop_
_entity_poly.entity_id
_entity_poly.type
_entity_poly.pdbx_seq_one_letter_code
_entity_poly.pdbx_strand_id
1 'polydeoxyribonucleotide' (DA)(DA)(DA)(DA)(DA)(DG)(DA)(DC)(DT)(DT) B
2 'polydeoxyribonucleotide' (TGP)(DG)(DA)(DA)(DA)(DA)(DA)(DT)(DT)(DT)(DT)(DT) C
3 'polydeoxyribonucleotide'
;(DA)(DA)(DA)(DA)(DA)(DT)(DT)(DT)(DT)(DT)(DC)(DC)(DA)(DA)(DG)(DT)(DC)(DT)(DT)(DT)
(DT)(DT)
;
D
4 'polypeptide(L)'
;KKPKNKDKDKKVPEPDNKKKKPKKEEEQKWKWWEEERYPEGIKWKFLEHKGPVFAPPYEPLPENVKFYYDGKVMKLSPKA
EEVATFFAKMLDHEYTTKEIFRKNFFKDWRKEMTNEEKNIITNLSKCDFTQMSQYFKAQTEARKQMSKEEKLKIKEENEK
LLKEYGFCIMDNHKERIANFKIEPPGLFRGRGNHPKMGMLKRRIMPEDIIINCSKDAKVPSPPPGHKWKEVRHDNKVTWL
VSWTENIQGSIKYIMLNPSSRIKGEKDWQKYETARRLKKCVDKIRNQYREDWKSKEMKVRQRAVALYFIDKLALRAGNEK
EEGETADTVGCCSLRVEHINLHPELDGQEYVVEFDFLGKDSIRYYNKVPVEKRVFKNLQLFMENKQPEDDLFDRLNTGIL
NKHLQDLMEGLTAKVFRTYNASITLQQQLKELTAPDENIPAKILSYNRANRAVAILCNHQRAPPKTFEKSMMNLQTKIDA
KKEQLADARRDLKSAKADAKVMKDAKTKKVVESKKKAVQRLEEQLMKLEVQATDREENKQIALGTSKLN(PTR)LDPRIT
VAWCKKWGVPIEKIYNKTQREKFAWAIDMADEDYEF
;
A
#
# COMPACT_ATOMS: atom_id res chain seq x y z
N GLN D 28 9.05 6.01 -28.36
CA GLN D 28 8.02 5.10 -28.95
C GLN D 28 6.64 5.33 -28.35
N LYS D 29 6.45 4.86 -27.11
CA LYS D 29 5.18 4.98 -26.39
C LYS D 29 4.02 4.29 -27.10
N TRP D 30 3.74 3.06 -26.65
CA TRP D 30 2.66 2.26 -27.21
C TRP D 30 1.36 2.49 -26.45
N LYS D 31 0.34 2.95 -27.15
CA LYS D 31 -0.96 3.20 -26.53
C LYS D 31 -1.79 1.92 -26.66
N TRP D 32 -1.53 0.97 -25.79
CA TRP D 32 -2.23 -0.32 -25.81
C TRP D 32 -3.75 -0.19 -25.62
N TRP D 33 -4.18 0.88 -24.99
CA TRP D 33 -5.62 1.11 -24.74
C TRP D 33 -6.40 1.40 -26.00
N GLU D 34 -5.70 1.64 -27.10
CA GLU D 34 -6.35 1.93 -28.37
C GLU D 34 -6.48 0.66 -29.19
N GLU D 35 -5.81 -0.40 -28.74
CA GLU D 35 -5.86 -1.69 -29.42
C GLU D 35 -7.19 -2.38 -29.13
N GLU D 36 -7.46 -3.43 -29.90
CA GLU D 36 -8.67 -4.21 -29.74
C GLU D 36 -8.46 -5.04 -28.47
N ARG D 37 -9.44 -5.00 -27.57
CA ARG D 37 -9.37 -5.73 -26.30
C ARG D 37 -8.85 -7.15 -26.45
N TYR D 38 -7.91 -7.52 -25.58
CA TYR D 38 -7.32 -8.85 -25.60
C TYR D 38 -8.37 -9.90 -25.24
N PRO D 39 -8.50 -10.95 -26.08
CA PRO D 39 -9.43 -12.08 -25.93
C PRO D 39 -9.45 -12.74 -24.55
N GLU D 40 -10.40 -13.66 -24.38
CA GLU D 40 -10.58 -14.39 -23.13
C GLU D 40 -9.71 -15.65 -23.15
N GLY D 41 -9.30 -16.10 -21.97
CA GLY D 41 -8.49 -17.30 -21.86
C GLY D 41 -6.99 -17.07 -21.96
N ILE D 42 -6.52 -16.92 -23.20
CA ILE D 42 -5.10 -16.69 -23.46
C ILE D 42 -4.62 -15.32 -23.00
N LYS D 43 -3.51 -15.31 -22.26
CA LYS D 43 -2.92 -14.08 -21.73
C LYS D 43 -1.86 -13.47 -22.65
N TRP D 44 -1.22 -14.32 -23.45
CA TRP D 44 -0.18 -13.87 -24.38
C TRP D 44 0.07 -14.94 -25.43
N LYS D 45 0.78 -14.57 -26.50
CA LYS D 45 1.09 -15.50 -27.59
C LYS D 45 2.61 -15.72 -27.63
N PHE D 46 3.35 -14.68 -27.28
CA PHE D 46 4.80 -14.73 -27.25
C PHE D 46 5.30 -14.16 -25.92
N LEU D 47 6.34 -14.77 -25.36
CA LEU D 47 6.90 -14.32 -24.09
C LEU D 47 8.36 -14.72 -23.95
N GLU D 48 9.24 -13.74 -23.80
CA GLU D 48 10.66 -14.00 -23.65
C GLU D 48 11.25 -13.05 -22.63
N HIS D 49 12.08 -13.58 -21.75
CA HIS D 49 12.76 -12.79 -20.71
C HIS D 49 14.03 -13.51 -20.27
N LYS D 50 14.90 -12.79 -19.58
CA LYS D 50 16.15 -13.37 -19.11
C LYS D 50 16.11 -14.06 -17.75
N GLY D 51 14.93 -14.21 -17.16
CA GLY D 51 14.85 -14.85 -15.86
C GLY D 51 15.19 -13.90 -14.72
N PRO D 52 15.12 -14.34 -13.47
CA PRO D 52 15.42 -13.47 -12.32
C PRO D 52 16.89 -13.17 -12.07
N VAL D 53 17.10 -12.17 -11.21
CA VAL D 53 18.45 -11.78 -10.80
C VAL D 53 18.58 -12.28 -9.36
N PHE D 54 19.53 -13.19 -9.13
CA PHE D 54 19.72 -13.73 -7.80
C PHE D 54 20.55 -12.81 -6.92
N ALA D 55 20.24 -12.83 -5.63
CA ALA D 55 20.97 -12.02 -4.65
C ALA D 55 22.42 -12.50 -4.62
N PRO D 56 23.38 -11.58 -4.42
CA PRO D 56 24.81 -11.91 -4.36
C PRO D 56 25.06 -12.92 -3.24
N PRO D 57 26.04 -13.81 -3.42
CA PRO D 57 26.33 -14.82 -2.40
C PRO D 57 26.74 -14.22 -1.07
N TYR D 58 26.52 -14.98 0.00
CA TYR D 58 26.87 -14.53 1.33
C TYR D 58 28.39 -14.43 1.51
N GLU D 59 28.84 -13.29 2.04
CA GLU D 59 30.25 -13.03 2.30
C GLU D 59 30.53 -13.25 3.79
N PRO D 60 31.36 -14.24 4.13
CA PRO D 60 31.67 -14.50 5.54
C PRO D 60 32.32 -13.31 6.26
N LEU D 61 32.07 -13.20 7.55
CA LEU D 61 32.60 -12.12 8.37
C LEU D 61 34.13 -12.11 8.41
N PRO D 62 34.73 -10.90 8.49
CA PRO D 62 36.19 -10.82 8.55
C PRO D 62 36.69 -11.44 9.85
N GLU D 63 37.96 -11.79 9.87
CA GLU D 63 38.59 -12.42 11.02
C GLU D 63 38.39 -11.75 12.39
N ASN D 64 38.35 -10.41 12.40
CA ASN D 64 38.23 -9.67 13.65
C ASN D 64 36.83 -9.45 14.23
N VAL D 65 35.80 -10.01 13.60
CA VAL D 65 34.44 -9.87 14.12
C VAL D 65 34.07 -11.21 14.73
N LYS D 66 34.27 -11.32 16.04
CA LYS D 66 34.01 -12.55 16.77
C LYS D 66 32.58 -12.83 17.24
N PHE D 67 32.28 -14.11 17.37
CA PHE D 67 31.00 -14.58 17.86
C PHE D 67 31.32 -15.32 19.14
N TYR D 68 30.49 -15.13 20.17
CA TYR D 68 30.70 -15.77 21.45
C TYR D 68 29.56 -16.65 21.93
N TYR D 69 29.93 -17.76 22.52
CA TYR D 69 28.98 -18.67 23.11
C TYR D 69 29.51 -19.07 24.47
N ASP D 70 28.71 -18.80 25.50
CA ASP D 70 29.09 -19.11 26.88
C ASP D 70 30.35 -18.34 27.25
N GLY D 71 30.51 -17.15 26.66
CA GLY D 71 31.67 -16.32 26.94
C GLY D 71 32.96 -16.71 26.26
N LYS D 72 32.91 -17.66 25.34
CA LYS D 72 34.11 -18.11 24.62
C LYS D 72 33.98 -17.96 23.10
N VAL D 73 35.06 -17.51 22.46
CA VAL D 73 35.07 -17.32 21.01
C VAL D 73 34.67 -18.58 20.27
N MET D 74 33.90 -18.41 19.20
CA MET D 74 33.43 -19.54 18.41
C MET D 74 33.22 -19.18 16.95
N LYS D 75 33.98 -19.84 16.08
CA LYS D 75 33.88 -19.62 14.64
C LYS D 75 32.72 -20.47 14.12
N LEU D 76 31.79 -19.82 13.44
CA LEU D 76 30.63 -20.50 12.87
C LEU D 76 30.84 -20.72 11.38
N SER D 77 30.37 -21.88 10.90
CA SER D 77 30.45 -22.22 9.49
C SER D 77 29.58 -21.21 8.73
N PRO D 78 29.88 -20.95 7.45
CA PRO D 78 29.14 -20.00 6.61
C PRO D 78 27.62 -20.08 6.70
N LYS D 79 27.09 -21.29 6.63
CA LYS D 79 25.65 -21.50 6.69
C LYS D 79 25.05 -21.00 8.01
N ALA D 80 25.65 -21.35 9.14
CA ALA D 80 25.15 -20.92 10.44
C ALA D 80 25.47 -19.46 10.73
N GLU D 81 26.63 -19.01 10.28
CA GLU D 81 27.06 -17.64 10.49
C GLU D 81 26.16 -16.65 9.76
N GLU D 82 25.69 -17.03 8.59
CA GLU D 82 24.80 -16.17 7.82
C GLU D 82 23.49 -15.94 8.57
N VAL D 83 22.89 -17.01 9.06
CA VAL D 83 21.63 -16.90 9.81
C VAL D 83 21.85 -16.03 11.05
N ALA D 84 23.03 -16.15 11.66
CA ALA D 84 23.38 -15.37 12.84
C ALA D 84 23.46 -13.87 12.54
N THR D 85 23.92 -13.51 11.33
CA THR D 85 24.03 -12.10 10.96
C THR D 85 22.67 -11.44 10.85
N PHE D 86 21.67 -12.21 10.44
CA PHE D 86 20.30 -11.68 10.30
C PHE D 86 19.79 -11.27 11.67
N PHE D 87 20.03 -12.11 12.66
CA PHE D 87 19.58 -11.81 14.01
C PHE D 87 20.35 -10.62 14.56
N ALA D 88 21.65 -10.56 14.27
CA ALA D 88 22.52 -9.47 14.72
C ALA D 88 22.10 -8.11 14.19
N LYS D 89 21.67 -8.07 12.93
CA LYS D 89 21.23 -6.82 12.31
C LYS D 89 19.88 -6.34 12.87
N MET D 90 19.16 -7.22 13.56
CA MET D 90 17.85 -6.88 14.13
C MET D 90 17.87 -6.71 15.65
N LEU D 91 19.08 -6.67 16.21
CA LEU D 91 19.28 -6.55 17.65
C LEU D 91 18.64 -5.32 18.28
N ASP D 92 18.51 -4.23 17.52
CA ASP D 92 17.91 -3.00 18.02
C ASP D 92 16.40 -3.08 18.23
N HIS D 93 15.72 -3.86 17.40
CA HIS D 93 14.26 -4.00 17.49
C HIS D 93 13.78 -4.78 18.71
N GLU D 94 12.68 -4.30 19.30
CA GLU D 94 12.10 -4.95 20.48
C GLU D 94 11.57 -6.34 20.18
N TYR D 95 11.20 -6.60 18.93
CA TYR D 95 10.65 -7.91 18.60
C TYR D 95 11.65 -9.07 18.76
N THR D 96 12.94 -8.78 18.81
CA THR D 96 13.93 -9.85 19.01
C THR D 96 13.92 -10.35 20.45
N THR D 97 13.23 -9.63 21.32
CA THR D 97 13.12 -10.04 22.72
C THR D 97 11.89 -10.90 22.88
N LYS D 98 11.04 -10.93 21.85
CA LYS D 98 9.80 -11.72 21.90
C LYS D 98 10.00 -13.22 21.90
N GLU D 99 9.19 -13.90 22.70
CA GLU D 99 9.18 -15.35 22.85
C GLU D 99 9.05 -16.08 21.52
N ILE D 100 7.96 -15.78 20.81
CA ILE D 100 7.69 -16.43 19.53
C ILE D 100 8.83 -16.24 18.53
N PHE D 101 9.36 -15.02 18.46
CA PHE D 101 10.44 -14.69 17.55
C PHE D 101 11.66 -15.52 17.86
N ARG D 102 12.00 -15.57 19.15
CA ARG D 102 13.18 -16.32 19.58
C ARG D 102 13.07 -17.81 19.43
N LYS D 103 11.86 -18.33 19.63
CA LYS D 103 11.57 -19.75 19.49
C LYS D 103 11.74 -20.15 18.03
N ASN D 104 11.04 -19.44 17.14
CA ASN D 104 11.11 -19.73 15.71
C ASN D 104 12.52 -19.56 15.18
N PHE D 105 13.18 -18.47 15.57
CA PHE D 105 14.53 -18.22 15.11
C PHE D 105 15.51 -19.32 15.45
N PHE D 106 15.59 -19.67 16.73
CA PHE D 106 16.54 -20.68 17.18
C PHE D 106 16.26 -22.06 16.58
N LYS D 107 14.98 -22.39 16.39
CA LYS D 107 14.63 -23.68 15.80
C LYS D 107 15.14 -23.75 14.36
N ASP D 108 14.99 -22.65 13.62
CA ASP D 108 15.47 -22.60 12.24
C ASP D 108 16.99 -22.51 12.17
N TRP D 109 17.61 -21.77 13.09
CA TRP D 109 19.06 -21.62 13.10
C TRP D 109 19.75 -22.98 13.36
N ARG D 110 19.12 -23.79 14.20
CA ARG D 110 19.61 -25.13 14.56
C ARG D 110 19.71 -26.03 13.34
N LYS D 111 18.72 -25.95 12.45
CA LYS D 111 18.71 -26.76 11.22
C LYS D 111 19.88 -26.40 10.32
N GLU D 112 20.40 -25.19 10.46
CA GLU D 112 21.51 -24.70 9.65
C GLU D 112 22.88 -25.08 10.18
N MET D 113 22.95 -25.45 11.45
CA MET D 113 24.21 -25.80 12.09
C MET D 113 24.77 -27.18 11.74
N THR D 114 26.09 -27.30 11.85
CA THR D 114 26.76 -28.58 11.64
C THR D 114 26.48 -29.37 12.93
N ASN D 115 26.72 -30.68 12.93
CA ASN D 115 26.45 -31.48 14.12
C ASN D 115 27.31 -31.08 15.32
N GLU D 116 28.51 -30.57 15.05
CA GLU D 116 29.43 -30.13 16.09
C GLU D 116 28.92 -28.83 16.72
N GLU D 117 28.37 -27.95 15.88
CA GLU D 117 27.83 -26.69 16.33
C GLU D 117 26.56 -26.91 17.16
N LYS D 118 25.74 -27.88 16.75
CA LYS D 118 24.51 -28.19 17.47
C LYS D 118 24.76 -28.75 18.87
N ASN D 119 25.93 -29.33 19.09
CA ASN D 119 26.27 -29.91 20.38
C ASN D 119 26.70 -28.86 21.40
N ILE D 120 27.25 -27.75 20.91
CA ILE D 120 27.69 -26.67 21.78
C ILE D 120 26.57 -25.65 22.03
N ILE D 121 25.95 -25.17 20.95
CA ILE D 121 24.88 -24.18 21.03
C ILE D 121 23.53 -24.81 21.32
N THR D 122 23.19 -24.89 22.61
CA THR D 122 21.93 -25.48 23.04
C THR D 122 20.81 -24.45 23.15
N ASN D 123 21.17 -23.18 23.25
CA ASN D 123 20.16 -22.13 23.36
C ASN D 123 20.65 -20.82 22.80
N LEU D 124 19.70 -19.96 22.47
CA LEU D 124 19.97 -18.64 21.90
C LEU D 124 20.47 -17.61 22.93
N SER D 125 20.03 -17.74 24.18
CA SER D 125 20.40 -16.78 25.23
C SER D 125 21.86 -16.72 25.66
N LYS D 126 22.59 -17.80 25.45
CA LYS D 126 24.01 -17.86 25.80
C LYS D 126 24.89 -17.21 24.71
N CYS D 127 24.29 -16.96 23.55
CA CYS D 127 24.98 -16.38 22.40
C CYS D 127 25.22 -14.88 22.51
N ASP D 128 26.34 -14.42 21.95
CA ASP D 128 26.70 -13.01 21.97
C ASP D 128 26.94 -12.48 20.56
N PHE D 129 25.95 -11.76 20.04
CA PHE D 129 26.00 -11.19 18.69
C PHE D 129 26.46 -9.73 18.70
N THR D 130 26.90 -9.22 19.85
CA THR D 130 27.32 -7.81 19.94
C THR D 130 28.33 -7.33 18.91
N GLN D 131 29.41 -8.07 18.72
CA GLN D 131 30.43 -7.67 17.74
C GLN D 131 29.90 -7.70 16.30
N MET D 132 29.07 -8.69 16.00
CA MET D 132 28.50 -8.77 14.66
C MET D 132 27.61 -7.57 14.43
N SER D 133 26.83 -7.21 15.45
CA SER D 133 25.93 -6.08 15.37
C SER D 133 26.69 -4.76 15.14
N GLN D 134 27.78 -4.56 15.86
CA GLN D 134 28.60 -3.36 15.73
C GLN D 134 29.25 -3.28 14.34
N TYR D 135 29.72 -4.42 13.84
CA TYR D 135 30.36 -4.48 12.53
C TYR D 135 29.41 -3.98 11.45
N PHE D 136 28.20 -4.53 11.42
CA PHE D 136 27.22 -4.11 10.43
C PHE D 136 26.88 -2.62 10.50
N LYS D 137 26.82 -2.08 11.71
CA LYS D 137 26.55 -0.63 11.87
C LYS D 137 27.72 0.15 11.30
N ALA D 138 28.94 -0.38 11.48
CA ALA D 138 30.15 0.26 10.99
C ALA D 138 30.19 0.29 9.46
N GLN D 139 29.69 -0.77 8.83
CA GLN D 139 29.64 -0.85 7.37
C GLN D 139 28.65 0.18 6.83
N THR D 140 27.57 0.42 7.57
CA THR D 140 26.55 1.39 7.18
C THR D 140 27.14 2.79 7.20
N GLU D 141 28.00 3.06 8.18
CA GLU D 141 28.66 4.37 8.30
C GLU D 141 29.69 4.51 7.19
N ALA D 142 30.45 3.45 6.95
CA ALA D 142 31.47 3.45 5.91
C ALA D 142 30.87 3.70 4.53
N ARG D 143 29.71 3.11 4.26
CA ARG D 143 29.04 3.26 2.98
C ARG D 143 28.60 4.70 2.69
N LYS D 144 28.14 5.41 3.71
CA LYS D 144 27.72 6.79 3.51
C LYS D 144 28.90 7.76 3.47
N GLN D 145 30.10 7.20 3.34
CA GLN D 145 31.32 7.99 3.27
C GLN D 145 32.13 7.69 2.02
N MET D 146 31.56 6.88 1.12
CA MET D 146 32.21 6.50 -0.13
C MET D 146 32.51 7.70 -1.02
N SER D 147 33.41 7.49 -1.98
CA SER D 147 33.79 8.54 -2.93
C SER D 147 32.73 8.63 -4.04
N LYS D 148 32.80 9.70 -4.83
CA LYS D 148 31.86 9.88 -5.94
C LYS D 148 32.15 8.84 -7.03
N GLU D 149 33.38 8.32 -7.04
CA GLU D 149 33.79 7.32 -8.01
C GLU D 149 33.10 6.00 -7.67
N GLU D 150 33.17 5.63 -6.39
CA GLU D 150 32.55 4.39 -5.91
C GLU D 150 31.04 4.45 -6.10
N LYS D 151 30.42 5.49 -5.56
CA LYS D 151 28.98 5.71 -5.66
C LYS D 151 28.43 5.66 -7.07
N LEU D 152 29.04 6.42 -7.97
CA LEU D 152 28.60 6.47 -9.36
C LEU D 152 28.74 5.10 -10.02
N LYS D 153 29.85 4.42 -9.73
CA LYS D 153 30.11 3.09 -10.30
C LYS D 153 29.01 2.10 -9.90
N ILE D 154 28.61 2.14 -8.63
CA ILE D 154 27.57 1.25 -8.12
C ILE D 154 26.24 1.52 -8.82
N LYS D 155 25.98 2.80 -9.10
CA LYS D 155 24.75 3.22 -9.77
C LYS D 155 24.73 2.74 -11.23
N GLU D 156 25.89 2.70 -11.87
CA GLU D 156 25.99 2.26 -13.25
C GLU D 156 25.84 0.75 -13.42
N GLU D 157 26.31 0.00 -12.42
CA GLU D 157 26.19 -1.46 -12.46
C GLU D 157 24.71 -1.81 -12.35
N ASN D 158 23.98 -1.01 -11.56
CA ASN D 158 22.55 -1.22 -11.36
C ASN D 158 21.77 -0.90 -12.64
N GLU D 159 22.16 0.19 -13.29
CA GLU D 159 21.50 0.61 -14.51
C GLU D 159 21.64 -0.45 -15.60
N LYS D 160 22.82 -1.02 -15.76
CA LYS D 160 23.04 -2.04 -16.79
C LYS D 160 22.35 -3.35 -16.43
N LEU D 161 22.14 -3.57 -15.14
CA LEU D 161 21.45 -4.78 -14.68
C LEU D 161 19.98 -4.61 -15.03
N LEU D 162 19.50 -3.37 -14.92
CA LEU D 162 18.11 -3.02 -15.23
C LEU D 162 17.86 -3.16 -16.74
N LYS D 163 18.83 -2.78 -17.57
CA LYS D 163 18.67 -2.87 -19.01
C LYS D 163 18.67 -4.32 -19.47
N GLU D 164 19.51 -5.13 -18.84
CA GLU D 164 19.62 -6.55 -19.18
C GLU D 164 18.54 -7.46 -18.64
N TYR D 165 18.09 -7.23 -17.41
CA TYR D 165 17.10 -8.08 -16.76
C TYR D 165 15.76 -7.45 -16.41
N GLY D 166 15.68 -6.13 -16.44
CA GLY D 166 14.45 -5.44 -16.09
C GLY D 166 13.38 -5.39 -17.17
N PHE D 167 13.62 -6.01 -18.32
CA PHE D 167 12.64 -5.98 -19.40
C PHE D 167 12.33 -7.35 -19.95
N CYS D 168 11.15 -7.47 -20.53
CA CYS D 168 10.72 -8.72 -21.14
C CYS D 168 9.91 -8.38 -22.37
N ILE D 169 9.85 -9.31 -23.30
CA ILE D 169 9.09 -9.13 -24.54
C ILE D 169 7.81 -9.92 -24.42
N MET D 170 6.69 -9.24 -24.56
CA MET D 170 5.40 -9.91 -24.53
C MET D 170 4.63 -9.43 -25.75
N ASP D 171 4.34 -10.36 -26.66
CA ASP D 171 3.57 -10.07 -27.88
C ASP D 171 3.91 -8.78 -28.61
N ASN D 172 4.91 -8.75 -29.48
CA ASN D 172 5.18 -7.50 -30.23
C ASN D 172 5.75 -6.31 -29.47
N HIS D 173 5.73 -6.32 -28.14
CA HIS D 173 6.28 -5.18 -27.40
C HIS D 173 7.19 -5.55 -26.23
N LYS D 174 8.11 -4.64 -25.93
CA LYS D 174 9.05 -4.78 -24.83
C LYS D 174 8.39 -4.09 -23.62
N GLU D 175 8.30 -4.78 -22.50
CA GLU D 175 7.70 -4.20 -21.30
C GLU D 175 8.53 -4.42 -20.06
N ARG D 176 8.47 -3.47 -19.14
CA ARG D 176 9.26 -3.56 -17.92
C ARG D 176 8.75 -4.59 -16.92
N ILE D 177 9.69 -5.27 -16.30
CA ILE D 177 9.40 -6.28 -15.28
C ILE D 177 9.48 -5.55 -13.93
N ALA D 178 8.50 -5.80 -13.06
CA ALA D 178 8.44 -5.15 -11.75
C ALA D 178 9.56 -5.45 -10.74
N ASN D 179 9.62 -6.68 -10.23
CA ASN D 179 10.65 -7.02 -9.24
C ASN D 179 11.48 -8.19 -9.74
N PHE D 180 12.34 -7.94 -10.72
CA PHE D 180 13.18 -8.99 -11.29
C PHE D 180 14.26 -9.49 -10.35
N LYS D 181 14.63 -8.68 -9.36
CA LYS D 181 15.64 -9.08 -8.39
C LYS D 181 14.94 -9.81 -7.25
N ILE D 182 15.30 -11.07 -7.05
CA ILE D 182 14.72 -11.87 -5.99
C ILE D 182 15.26 -11.38 -4.65
N GLU D 183 14.37 -11.17 -3.69
CA GLU D 183 14.74 -10.70 -2.35
C GLU D 183 15.74 -11.65 -1.71
N PRO D 184 16.80 -11.10 -1.09
CA PRO D 184 17.80 -11.95 -0.43
C PRO D 184 17.20 -12.65 0.80
N PRO D 185 17.88 -13.69 1.32
CA PRO D 185 17.39 -14.41 2.49
C PRO D 185 17.39 -13.54 3.75
N GLY D 186 16.58 -13.92 4.72
CA GLY D 186 16.50 -13.16 5.95
C GLY D 186 15.52 -13.77 6.93
N LEU D 187 15.15 -13.01 7.94
CA LEU D 187 14.22 -13.51 8.95
C LEU D 187 12.86 -12.87 8.72
N PHE D 188 11.81 -13.67 8.87
CA PHE D 188 10.46 -13.20 8.68
C PHE D 188 9.97 -12.47 9.92
N ARG D 189 9.19 -11.41 9.71
CA ARG D 189 8.61 -10.66 10.81
C ARG D 189 7.11 -10.51 10.56
N GLY D 190 6.74 -10.23 9.31
CA GLY D 190 5.33 -10.07 8.99
C GLY D 190 4.77 -8.81 9.59
N ARG D 191 3.44 -8.72 9.67
CA ARG D 191 2.78 -7.56 10.24
C ARG D 191 1.90 -8.03 11.38
N GLY D 192 1.80 -7.22 12.43
CA GLY D 192 0.99 -7.59 13.57
C GLY D 192 1.64 -8.69 14.40
N ASN D 193 0.83 -9.38 15.20
CA ASN D 193 1.32 -10.45 16.06
C ASN D 193 1.30 -11.77 15.30
N HIS D 194 2.32 -11.98 14.47
CA HIS D 194 2.42 -13.17 13.62
C HIS D 194 3.07 -14.39 14.31
N PRO D 195 2.43 -15.56 14.22
CA PRO D 195 2.88 -16.84 14.81
C PRO D 195 4.18 -17.36 14.20
N LYS D 196 4.52 -16.88 13.00
CA LYS D 196 5.72 -17.33 12.33
C LYS D 196 6.90 -16.34 12.33
N MET D 197 6.77 -15.24 13.07
CA MET D 197 7.86 -14.26 13.13
C MET D 197 9.11 -14.95 13.69
N GLY D 198 10.26 -14.57 13.16
CA GLY D 198 11.51 -15.16 13.59
C GLY D 198 12.00 -16.25 12.66
N MET D 199 11.09 -16.83 11.88
CA MET D 199 11.44 -17.88 10.94
C MET D 199 12.38 -17.40 9.85
N LEU D 200 13.15 -18.33 9.30
CA LEU D 200 14.13 -18.03 8.25
C LEU D 200 13.53 -18.11 6.84
N LYS D 201 13.72 -17.04 6.07
CA LYS D 201 13.29 -16.99 4.67
C LYS D 201 14.56 -17.45 3.96
N ARG D 202 14.63 -18.71 3.56
CA ARG D 202 15.82 -19.22 2.92
C ARG D 202 16.12 -18.64 1.54
N ARG D 203 17.39 -18.69 1.16
CA ARG D 203 17.85 -18.19 -0.12
C ARG D 203 17.20 -18.95 -1.28
N ILE D 204 16.54 -18.22 -2.17
CA ILE D 204 15.91 -18.85 -3.34
C ILE D 204 17.02 -19.21 -4.35
N MET D 205 16.98 -20.44 -4.83
CA MET D 205 17.98 -20.96 -5.78
C MET D 205 17.32 -21.29 -7.12
N PRO D 206 18.11 -21.36 -8.21
CA PRO D 206 17.58 -21.68 -9.55
C PRO D 206 16.73 -22.96 -9.48
N GLU D 207 17.15 -23.89 -8.61
CA GLU D 207 16.44 -25.17 -8.40
C GLU D 207 15.00 -25.00 -7.87
N ASP D 208 14.70 -23.87 -7.26
CA ASP D 208 13.35 -23.60 -6.75
C ASP D 208 12.54 -22.82 -7.78
N ILE D 209 13.21 -22.39 -8.84
CA ILE D 209 12.59 -21.56 -9.87
C ILE D 209 11.88 -22.21 -11.02
N ILE D 210 10.66 -21.76 -11.26
CA ILE D 210 9.88 -22.24 -12.38
C ILE D 210 9.82 -21.07 -13.33
N ILE D 211 10.29 -21.30 -14.55
CA ILE D 211 10.32 -20.30 -15.61
C ILE D 211 9.13 -20.51 -16.56
N ASN D 212 8.51 -19.41 -17.00
CA ASN D 212 7.39 -19.47 -17.93
C ASN D 212 7.75 -18.61 -19.14
N CYS D 213 7.56 -19.15 -20.33
CA CYS D 213 7.86 -18.45 -21.58
C CYS D 213 7.21 -19.18 -22.76
N SER D 214 7.17 -18.53 -23.93
CA SER D 214 6.58 -19.18 -25.10
C SER D 214 7.52 -20.21 -25.68
N LYS D 215 6.95 -21.21 -26.36
CA LYS D 215 7.72 -22.30 -26.98
C LYS D 215 8.70 -21.87 -28.05
N ASP D 216 8.57 -20.64 -28.54
CA ASP D 216 9.46 -20.14 -29.59
C ASP D 216 10.46 -19.09 -29.12
N ALA D 217 10.40 -18.74 -27.85
CA ALA D 217 11.32 -17.76 -27.29
C ALA D 217 12.61 -18.43 -26.88
N LYS D 218 13.64 -17.63 -26.68
CA LYS D 218 14.93 -18.13 -26.25
C LYS D 218 14.81 -18.35 -24.74
N VAL D 219 14.93 -19.59 -24.30
CA VAL D 219 14.83 -19.92 -22.88
C VAL D 219 16.03 -19.40 -22.09
N PRO D 220 15.78 -18.67 -20.98
CA PRO D 220 16.88 -18.15 -20.17
C PRO D 220 17.71 -19.30 -19.60
N SER D 221 19.01 -19.08 -19.53
CA SER D 221 19.92 -20.09 -19.02
C SER D 221 20.16 -19.85 -17.54
N PRO D 222 20.06 -20.92 -16.74
CA PRO D 222 20.29 -20.80 -15.29
C PRO D 222 21.79 -20.57 -15.05
N PRO D 223 22.18 -20.07 -13.86
CA PRO D 223 23.61 -19.84 -13.60
C PRO D 223 24.37 -21.16 -13.78
N PRO D 224 25.60 -21.11 -14.30
CA PRO D 224 26.42 -22.30 -14.53
C PRO D 224 26.47 -23.28 -13.36
N GLY D 225 26.22 -24.55 -13.65
CA GLY D 225 26.22 -25.56 -12.61
C GLY D 225 24.89 -25.71 -11.91
N HIS D 226 23.85 -25.07 -12.43
CA HIS D 226 22.50 -25.16 -11.86
C HIS D 226 21.47 -25.49 -12.92
N LYS D 227 20.27 -25.81 -12.48
CA LYS D 227 19.16 -26.13 -13.37
C LYS D 227 17.90 -25.51 -12.79
N TRP D 228 16.96 -25.10 -13.65
CA TRP D 228 15.71 -24.53 -13.17
C TRP D 228 14.86 -25.69 -12.64
N LYS D 229 13.92 -25.39 -11.76
CA LYS D 229 13.05 -26.43 -11.22
C LYS D 229 12.24 -26.95 -12.39
N GLU D 230 11.76 -26.03 -13.20
CA GLU D 230 10.93 -26.39 -14.34
C GLU D 230 10.85 -25.25 -15.36
N VAL D 231 10.68 -25.63 -16.62
CA VAL D 231 10.50 -24.65 -17.67
C VAL D 231 9.15 -24.94 -18.30
N ARG D 232 8.18 -24.05 -18.13
CA ARG D 232 6.90 -24.30 -18.77
C ARG D 232 6.44 -23.23 -19.73
N HIS D 233 5.39 -23.55 -20.48
CA HIS D 233 4.87 -22.66 -21.49
C HIS D 233 3.38 -22.52 -21.26
N ASP D 234 3.02 -21.87 -20.17
CA ASP D 234 1.61 -21.68 -19.83
C ASP D 234 1.11 -20.30 -20.19
N ASN D 235 0.44 -20.21 -21.34
CA ASN D 235 -0.12 -18.95 -21.80
C ASN D 235 -1.47 -18.60 -21.14
N LYS D 236 -1.86 -19.37 -20.14
CA LYS D 236 -3.10 -19.10 -19.41
C LYS D 236 -2.80 -18.21 -18.19
N VAL D 237 -1.52 -17.98 -17.92
CA VAL D 237 -1.10 -17.16 -16.79
C VAL D 237 -0.27 -15.95 -17.22
N THR D 238 -0.13 -14.99 -16.33
CA THR D 238 0.61 -13.78 -16.66
C THR D 238 2.01 -13.70 -16.07
N TRP D 239 2.41 -14.68 -15.28
CA TRP D 239 3.71 -14.62 -14.65
C TRP D 239 4.89 -15.13 -15.48
N LEU D 240 6.09 -14.62 -15.16
CA LEU D 240 7.31 -15.00 -15.85
C LEU D 240 8.11 -16.03 -15.06
N VAL D 241 8.16 -15.84 -13.75
CA VAL D 241 8.91 -16.70 -12.87
C VAL D 241 8.08 -16.97 -11.61
N SER D 242 8.09 -18.21 -11.12
CA SER D 242 7.40 -18.51 -9.88
C SER D 242 8.25 -19.44 -9.04
N TRP D 243 7.99 -19.42 -7.74
CA TRP D 243 8.70 -20.29 -6.79
C TRP D 243 7.89 -20.35 -5.49
N THR D 244 8.12 -21.39 -4.70
CA THR D 244 7.40 -21.55 -3.45
C THR D 244 8.21 -21.04 -2.26
N GLU D 245 7.64 -20.10 -1.50
CA GLU D 245 8.31 -19.56 -0.32
C GLU D 245 7.98 -20.47 0.86
N ASN D 246 9.00 -20.77 1.65
CA ASN D 246 8.93 -21.67 2.81
C ASN D 246 8.15 -21.28 4.08
N ILE D 247 7.85 -20.00 4.28
CA ILE D 247 7.13 -19.57 5.49
C ILE D 247 5.66 -20.01 5.51
N GLN D 248 4.89 -19.51 4.55
CA GLN D 248 3.46 -19.84 4.45
C GLN D 248 3.25 -20.97 3.45
N GLY D 249 4.28 -21.27 2.67
CA GLY D 249 4.18 -22.31 1.67
C GLY D 249 3.42 -21.85 0.44
N SER D 250 3.39 -20.55 0.19
CA SER D 250 2.69 -20.00 -0.98
C SER D 250 3.64 -19.76 -2.14
N ILE D 251 3.05 -19.52 -3.31
CA ILE D 251 3.83 -19.27 -4.51
C ILE D 251 4.00 -17.79 -4.72
N LYS D 252 5.25 -17.39 -4.90
CA LYS D 252 5.62 -16.01 -5.16
C LYS D 252 5.86 -15.89 -6.66
N TYR D 253 5.68 -14.70 -7.22
CA TYR D 253 5.86 -14.52 -8.66
C TYR D 253 6.63 -13.28 -9.05
N ILE D 254 7.10 -13.29 -10.29
CA ILE D 254 7.74 -12.15 -10.90
C ILE D 254 6.79 -11.88 -12.06
N MET D 255 6.12 -10.75 -12.00
CA MET D 255 5.16 -10.38 -13.03
C MET D 255 5.55 -9.02 -13.62
N LEU D 256 4.83 -8.62 -14.66
CA LEU D 256 5.08 -7.34 -15.31
C LEU D 256 4.70 -6.16 -14.43
N ASN D 257 5.27 -5.02 -14.75
CA ASN D 257 5.05 -3.80 -14.01
C ASN D 257 3.66 -3.16 -14.29
N PRO D 258 3.16 -2.29 -13.40
CA PRO D 258 1.86 -1.64 -13.55
C PRO D 258 1.61 -0.91 -14.87
N SER D 259 2.65 -0.38 -15.49
CA SER D 259 2.51 0.35 -16.74
C SER D 259 2.27 -0.56 -17.95
N SER D 260 2.38 -1.87 -17.73
CA SER D 260 2.18 -2.84 -18.80
C SER D 260 0.71 -2.96 -19.20
N ARG D 261 0.50 -3.46 -20.41
CA ARG D 261 -0.82 -3.65 -20.97
C ARG D 261 -1.59 -4.70 -20.19
N ILE D 262 -0.92 -5.80 -19.85
CA ILE D 262 -1.58 -6.87 -19.11
C ILE D 262 -2.10 -6.44 -17.72
N LYS D 263 -1.37 -5.56 -17.04
CA LYS D 263 -1.80 -5.06 -15.72
C LYS D 263 -2.80 -3.93 -15.92
N GLY D 264 -2.47 -3.00 -16.84
CA GLY D 264 -3.32 -1.86 -17.11
C GLY D 264 -4.72 -2.21 -17.58
N GLU D 265 -4.82 -3.10 -18.54
CA GLU D 265 -6.11 -3.52 -19.08
C GLU D 265 -6.98 -4.12 -17.97
N LYS D 266 -6.35 -4.83 -17.04
CA LYS D 266 -7.07 -5.45 -15.93
C LYS D 266 -7.56 -4.40 -14.93
N ASP D 267 -6.77 -3.34 -14.75
CA ASP D 267 -7.10 -2.25 -13.84
C ASP D 267 -8.27 -1.46 -14.42
N TRP D 268 -8.21 -1.20 -15.72
CA TRP D 268 -9.23 -0.46 -16.46
C TRP D 268 -10.56 -1.21 -16.39
N GLN D 269 -10.49 -2.54 -16.47
CA GLN D 269 -11.67 -3.40 -16.39
C GLN D 269 -12.26 -3.38 -14.99
N LYS D 270 -11.39 -3.30 -13.98
CA LYS D 270 -11.82 -3.24 -12.58
C LYS D 270 -12.71 -2.00 -12.38
N TYR D 271 -12.28 -0.86 -12.91
CA TYR D 271 -13.05 0.37 -12.77
C TYR D 271 -14.33 0.36 -13.59
N GLU D 272 -14.28 -0.27 -14.77
CA GLU D 272 -15.46 -0.39 -15.62
C GLU D 272 -16.50 -1.27 -14.92
N THR D 273 -16.03 -2.27 -14.19
CA THR D 273 -16.95 -3.14 -13.45
C THR D 273 -17.63 -2.32 -12.35
N ALA D 274 -16.85 -1.49 -11.67
CA ALA D 274 -17.38 -0.64 -10.61
C ALA D 274 -18.42 0.33 -11.16
N ARG D 275 -18.22 0.83 -12.37
CA ARG D 275 -19.15 1.76 -12.99
C ARG D 275 -20.47 1.08 -13.29
N ARG D 276 -20.42 -0.16 -13.78
CA ARG D 276 -21.64 -0.89 -14.07
C ARG D 276 -22.44 -1.08 -12.78
N LEU D 277 -21.74 -1.34 -11.68
CA LEU D 277 -22.39 -1.52 -10.38
C LEU D 277 -23.17 -0.25 -10.03
N LYS D 278 -22.65 0.91 -10.44
CA LYS D 278 -23.28 2.18 -10.17
C LYS D 278 -24.73 2.25 -10.67
N LYS D 279 -24.97 1.76 -11.88
CA LYS D 279 -26.31 1.79 -12.46
C LYS D 279 -27.30 0.76 -11.91
N CYS D 280 -26.89 -0.03 -10.92
CA CYS D 280 -27.80 -1.01 -10.34
C CYS D 280 -27.66 -1.19 -8.83
N VAL D 281 -26.92 -0.28 -8.19
CA VAL D 281 -26.70 -0.36 -6.76
C VAL D 281 -27.96 -0.09 -5.92
N ASP D 282 -28.80 0.84 -6.37
CA ASP D 282 -30.03 1.15 -5.64
C ASP D 282 -30.99 -0.04 -5.71
N LYS D 283 -30.95 -0.76 -6.83
CA LYS D 283 -31.76 -1.95 -7.04
C LYS D 283 -31.29 -3.02 -6.05
N ILE D 284 -29.97 -3.13 -5.87
CA ILE D 284 -29.39 -4.08 -4.94
C ILE D 284 -29.68 -3.67 -3.50
N ARG D 285 -29.61 -2.37 -3.23
CA ARG D 285 -29.88 -1.86 -1.88
C ARG D 285 -31.32 -2.13 -1.47
N ASN D 286 -32.26 -1.85 -2.38
CA ASN D 286 -33.66 -2.09 -2.08
C ASN D 286 -33.90 -3.58 -1.81
N GLN D 287 -33.22 -4.45 -2.56
CA GLN D 287 -33.38 -5.88 -2.39
C GLN D 287 -32.86 -6.42 -1.05
N TYR D 288 -31.66 -6.05 -0.65
CA TYR D 288 -31.14 -6.57 0.61
C TYR D 288 -31.86 -5.99 1.82
N ARG D 289 -32.43 -4.79 1.66
CA ARG D 289 -33.18 -4.17 2.74
C ARG D 289 -34.41 -5.04 3.00
N GLU D 290 -35.02 -5.53 1.93
CA GLU D 290 -36.19 -6.40 2.03
C GLU D 290 -35.75 -7.75 2.59
N ASP D 291 -34.56 -8.21 2.21
CA ASP D 291 -34.04 -9.48 2.67
C ASP D 291 -33.81 -9.55 4.19
N TRP D 292 -33.75 -8.39 4.84
CA TRP D 292 -33.58 -8.34 6.30
C TRP D 292 -34.82 -8.92 6.99
N LYS D 293 -35.91 -9.06 6.22
CA LYS D 293 -37.19 -9.59 6.70
C LYS D 293 -37.51 -11.02 6.29
N SER D 294 -36.70 -11.61 5.41
CA SER D 294 -36.96 -12.97 4.92
C SER D 294 -37.17 -14.05 6.00
N LYS D 295 -37.88 -15.11 5.63
CA LYS D 295 -38.17 -16.23 6.52
C LYS D 295 -36.95 -17.06 6.85
N GLU D 296 -35.98 -17.08 5.94
CA GLU D 296 -34.76 -17.86 6.10
C GLU D 296 -33.63 -17.06 6.74
N MET D 297 -32.97 -17.67 7.73
CA MET D 297 -31.87 -17.02 8.44
C MET D 297 -30.69 -16.70 7.53
N LYS D 298 -30.29 -17.67 6.72
CA LYS D 298 -29.18 -17.51 5.79
C LYS D 298 -29.34 -16.26 4.91
N VAL D 299 -30.58 -16.00 4.50
CA VAL D 299 -30.88 -14.85 3.66
C VAL D 299 -30.72 -13.55 4.45
N ARG D 300 -31.09 -13.58 5.72
CA ARG D 300 -30.98 -12.38 6.56
C ARG D 300 -29.52 -12.04 6.84
N GLN D 301 -28.73 -13.07 7.10
CA GLN D 301 -27.32 -12.88 7.37
C GLN D 301 -26.59 -12.33 6.15
N ARG D 302 -26.94 -12.87 4.98
CA ARG D 302 -26.34 -12.48 3.71
C ARG D 302 -26.69 -11.01 3.42
N ALA D 303 -27.93 -10.64 3.73
CA ALA D 303 -28.40 -9.28 3.53
C ALA D 303 -27.71 -8.30 4.49
N VAL D 304 -27.52 -8.72 5.74
CA VAL D 304 -26.86 -7.87 6.74
C VAL D 304 -25.38 -7.71 6.38
N ALA D 305 -24.73 -8.82 5.99
CA ALA D 305 -23.32 -8.77 5.60
C ALA D 305 -23.17 -7.79 4.45
N LEU D 306 -24.05 -7.89 3.46
CA LEU D 306 -24.03 -7.00 2.30
C LEU D 306 -24.11 -5.55 2.75
N TYR D 307 -24.95 -5.30 3.75
CA TYR D 307 -25.16 -3.97 4.31
C TYR D 307 -23.86 -3.40 4.87
N PHE D 308 -23.10 -4.24 5.58
CA PHE D 308 -21.83 -3.82 6.18
C PHE D 308 -20.80 -3.52 5.10
N ILE D 309 -20.69 -4.42 4.13
CA ILE D 309 -19.74 -4.27 3.04
C ILE D 309 -20.03 -3.01 2.23
N ASP D 310 -21.31 -2.70 2.05
CA ASP D 310 -21.71 -1.53 1.28
C ASP D 310 -21.60 -0.21 2.04
N LYS D 311 -22.24 -0.14 3.21
CA LYS D 311 -22.24 1.07 4.02
C LYS D 311 -20.89 1.38 4.66
N LEU D 312 -20.28 0.37 5.28
CA LEU D 312 -18.99 0.54 5.96
C LEU D 312 -17.77 0.12 5.15
N ALA D 313 -17.99 -0.33 3.91
CA ALA D 313 -16.91 -0.77 3.03
C ALA D 313 -15.95 -1.79 3.65
N LEU D 314 -16.50 -2.71 4.45
CA LEU D 314 -15.70 -3.75 5.08
C LEU D 314 -15.25 -4.77 4.03
N ARG D 315 -14.14 -5.45 4.31
CA ARG D 315 -13.59 -6.46 3.40
C ARG D 315 -14.32 -7.79 3.55
N ALA D 316 -14.28 -8.60 2.50
CA ALA D 316 -14.91 -9.93 2.50
C ALA D 316 -14.00 -10.90 3.24
N GLY D 317 -14.07 -10.87 4.56
CA GLY D 317 -13.23 -11.72 5.38
C GLY D 317 -13.16 -13.21 5.09
N ASN D 318 -12.23 -13.60 4.22
CA ASN D 318 -12.03 -15.01 3.89
C ASN D 318 -11.42 -15.68 5.12
N GLU D 319 -11.90 -16.87 5.45
CA GLU D 319 -11.38 -17.61 6.59
C GLU D 319 -9.90 -17.93 6.37
N LYS D 320 -9.15 -18.07 7.45
CA LYS D 320 -7.72 -18.39 7.37
C LYS D 320 -7.35 -19.44 8.41
N GLU D 321 -6.24 -20.13 8.18
CA GLU D 321 -5.78 -21.17 9.10
C GLU D 321 -5.28 -20.59 10.41
N GLU D 322 -5.85 -21.08 11.52
CA GLU D 322 -5.46 -20.60 12.85
C GLU D 322 -4.05 -21.08 13.18
N GLY D 323 -3.25 -20.17 13.74
CA GLY D 323 -1.89 -20.51 14.09
C GLY D 323 -0.90 -20.43 12.94
N GLU D 324 -1.36 -19.94 11.79
CA GLU D 324 -0.51 -19.83 10.62
C GLU D 324 -0.34 -18.37 10.19
N THR D 325 -1.31 -17.55 10.57
CA THR D 325 -1.31 -16.13 10.23
C THR D 325 -1.75 -15.32 11.45
N ALA D 326 -1.55 -14.01 11.40
CA ALA D 326 -1.96 -13.13 12.48
C ALA D 326 -3.50 -13.19 12.51
N ASP D 327 -4.08 -13.09 13.69
CA ASP D 327 -5.54 -13.14 13.82
C ASP D 327 -6.18 -11.83 13.39
N THR D 328 -6.70 -11.79 12.16
CA THR D 328 -7.38 -10.61 11.64
C THR D 328 -8.69 -11.09 11.03
N VAL D 329 -9.62 -10.17 10.82
CA VAL D 329 -10.92 -10.57 10.27
C VAL D 329 -11.51 -9.57 9.32
N GLY D 330 -12.50 -10.03 8.57
CA GLY D 330 -13.21 -9.18 7.63
C GLY D 330 -14.69 -9.29 7.95
N CYS D 331 -15.55 -8.95 7.00
CA CYS D 331 -17.00 -8.99 7.22
C CYS D 331 -17.55 -10.39 7.50
N CYS D 332 -17.35 -11.32 6.57
CA CYS D 332 -17.85 -12.68 6.72
C CYS D 332 -17.16 -13.53 7.78
N SER D 333 -16.15 -12.99 8.44
CA SER D 333 -15.43 -13.73 9.48
C SER D 333 -15.48 -13.04 10.84
N LEU D 334 -16.39 -12.09 10.97
CA LEU D 334 -16.56 -11.38 12.24
C LEU D 334 -17.03 -12.36 13.31
N ARG D 335 -16.52 -12.19 14.51
CA ARG D 335 -16.93 -13.03 15.62
C ARG D 335 -17.84 -12.23 16.52
N VAL D 336 -18.60 -12.93 17.35
CA VAL D 336 -19.52 -12.28 18.28
C VAL D 336 -18.80 -11.21 19.09
N GLU D 337 -17.60 -11.54 19.53
CA GLU D 337 -16.77 -10.64 20.34
C GLU D 337 -16.31 -9.35 19.65
N HIS D 338 -16.49 -9.28 18.33
CA HIS D 338 -16.08 -8.11 17.58
C HIS D 338 -17.08 -6.97 17.50
N ILE D 339 -18.28 -7.22 18.01
CA ILE D 339 -19.31 -6.20 18.01
C ILE D 339 -20.03 -6.11 19.36
N ASN D 340 -20.49 -4.90 19.68
CA ASN D 340 -21.21 -4.65 20.92
C ASN D 340 -22.46 -3.86 20.54
N LEU D 341 -23.62 -4.38 20.93
CA LEU D 341 -24.90 -3.74 20.62
C LEU D 341 -25.35 -2.74 21.69
N HIS D 342 -25.78 -1.56 21.24
CA HIS D 342 -26.25 -0.51 22.14
C HIS D 342 -27.54 0.12 21.66
N PRO D 343 -28.64 -0.11 22.39
CA PRO D 343 -29.96 0.44 22.05
C PRO D 343 -29.92 1.97 21.94
N GLU D 344 -29.03 2.58 22.71
CA GLU D 344 -28.88 4.04 22.72
C GLU D 344 -27.45 4.38 23.16
N LEU D 345 -26.81 5.29 22.43
CA LEU D 345 -25.44 5.73 22.73
C LEU D 345 -25.20 7.11 22.14
N ASP D 346 -24.77 8.06 22.98
CA ASP D 346 -24.50 9.44 22.56
C ASP D 346 -25.75 10.12 22.02
N GLY D 347 -26.92 9.66 22.47
CA GLY D 347 -28.17 10.23 22.00
C GLY D 347 -28.57 9.62 20.67
N GLN D 348 -27.80 8.63 20.22
CA GLN D 348 -28.04 7.93 18.97
C GLN D 348 -28.74 6.60 19.24
N GLU D 349 -29.64 6.23 18.34
CA GLU D 349 -30.40 4.99 18.48
C GLU D 349 -29.82 3.83 17.65
N TYR D 350 -29.87 2.63 18.24
CA TYR D 350 -29.39 1.41 17.58
C TYR D 350 -27.95 1.50 17.06
N VAL D 351 -27.04 1.71 18.00
CA VAL D 351 -25.62 1.84 17.68
C VAL D 351 -24.90 0.49 17.78
N VAL D 352 -24.14 0.17 16.74
CA VAL D 352 -23.36 -1.07 16.71
C VAL D 352 -21.91 -0.64 16.87
N GLU D 353 -21.24 -1.22 17.85
CA GLU D 353 -19.85 -0.88 18.12
C GLU D 353 -18.86 -1.91 17.60
N PHE D 354 -18.23 -1.60 16.48
CA PHE D 354 -17.24 -2.49 15.85
C PHE D 354 -15.85 -2.22 16.42
N ASP D 355 -15.19 -3.29 16.85
CA ASP D 355 -13.84 -3.18 17.38
C ASP D 355 -13.10 -4.46 17.03
N PHE D 356 -12.17 -4.37 16.09
CA PHE D 356 -11.41 -5.54 15.67
C PHE D 356 -10.21 -5.18 14.81
N LEU D 357 -9.32 -6.14 14.62
CA LEU D 357 -8.13 -5.96 13.80
C LEU D 357 -8.43 -6.44 12.38
N GLY D 358 -8.28 -5.55 11.41
CA GLY D 358 -8.53 -5.92 10.02
C GLY D 358 -7.21 -6.29 9.35
N LYS D 359 -7.12 -6.07 8.05
CA LYS D 359 -5.89 -6.39 7.31
C LYS D 359 -4.68 -5.66 7.88
N ASP D 360 -3.53 -6.34 7.88
CA ASP D 360 -2.27 -5.77 8.39
C ASP D 360 -2.38 -5.42 9.87
N SER D 361 -3.34 -6.04 10.55
CA SER D 361 -3.58 -5.79 11.97
C SER D 361 -3.95 -4.34 12.28
N ILE D 362 -4.53 -3.65 11.29
CA ILE D 362 -4.94 -2.27 11.50
C ILE D 362 -6.30 -2.32 12.19
N ARG D 363 -6.37 -1.67 13.35
CA ARG D 363 -7.58 -1.64 14.14
C ARG D 363 -8.73 -0.86 13.55
N TYR D 364 -9.87 -1.53 13.47
CA TYR D 364 -11.07 -0.88 12.97
C TYR D 364 -11.99 -0.65 14.17
N TYR D 365 -12.23 0.63 14.49
CA TYR D 365 -13.11 1.00 15.58
C TYR D 365 -14.14 1.98 15.05
N ASN D 366 -15.42 1.64 15.22
CA ASN D 366 -16.47 2.52 14.74
C ASN D 366 -17.79 2.25 15.45
N LYS D 367 -18.45 3.33 15.87
CA LYS D 367 -19.75 3.24 16.52
C LYS D 367 -20.72 3.73 15.46
N VAL D 368 -21.48 2.82 14.85
CA VAL D 368 -22.38 3.21 13.79
C VAL D 368 -23.87 2.97 14.02
N PRO D 369 -24.68 4.02 13.86
CA PRO D 369 -26.14 3.94 14.02
C PRO D 369 -26.64 3.16 12.82
N VAL D 370 -27.42 2.12 13.06
CA VAL D 370 -27.92 1.31 11.97
C VAL D 370 -29.44 1.30 11.94
N GLU D 371 -30.01 0.66 10.92
CA GLU D 371 -31.46 0.57 10.77
C GLU D 371 -31.94 -0.36 11.89
N LYS D 372 -33.18 -0.16 12.34
CA LYS D 372 -33.74 -0.97 13.41
C LYS D 372 -33.70 -2.48 13.12
N ARG D 373 -34.16 -2.88 11.93
CA ARG D 373 -34.18 -4.29 11.55
C ARG D 373 -32.81 -4.95 11.54
N VAL D 374 -31.76 -4.17 11.26
CA VAL D 374 -30.40 -4.71 11.26
C VAL D 374 -30.00 -4.96 12.70
N PHE D 375 -30.34 -4.03 13.57
CA PHE D 375 -30.03 -4.14 14.98
C PHE D 375 -30.73 -5.37 15.57
N LYS D 376 -32.00 -5.55 15.23
CA LYS D 376 -32.78 -6.70 15.71
C LYS D 376 -32.19 -8.00 15.17
N ASN D 377 -31.72 -7.96 13.93
CA ASN D 377 -31.12 -9.14 13.29
C ASN D 377 -29.81 -9.51 13.95
N LEU D 378 -28.99 -8.51 14.27
CA LEU D 378 -27.71 -8.74 14.91
C LEU D 378 -27.88 -9.38 16.28
N GLN D 379 -28.95 -9.01 16.98
CA GLN D 379 -29.25 -9.58 18.30
C GLN D 379 -29.58 -11.06 18.19
N LEU D 380 -30.20 -11.45 17.08
CA LEU D 380 -30.54 -12.85 16.83
C LEU D 380 -29.28 -13.63 16.45
N PHE D 381 -28.41 -12.99 15.68
CA PHE D 381 -27.17 -13.62 15.23
C PHE D 381 -26.19 -13.85 16.38
N MET D 382 -26.40 -13.15 17.49
CA MET D 382 -25.53 -13.28 18.66
C MET D 382 -26.15 -14.10 19.78
N GLU D 383 -27.34 -14.64 19.53
CA GLU D 383 -28.05 -15.47 20.51
C GLU D 383 -27.43 -16.86 20.60
N ASN D 384 -27.35 -17.39 21.82
CA ASN D 384 -26.80 -18.71 22.12
C ASN D 384 -25.39 -18.99 21.59
N LYS D 385 -24.54 -17.97 21.60
CA LYS D 385 -23.18 -18.14 21.09
C LYS D 385 -22.08 -17.71 22.05
N GLN D 386 -20.90 -18.28 21.83
CA GLN D 386 -19.71 -17.96 22.62
C GLN D 386 -18.97 -16.84 21.88
N PRO D 387 -18.23 -16.00 22.62
CA PRO D 387 -17.48 -14.89 22.03
C PRO D 387 -16.56 -15.27 20.86
N GLU D 388 -16.07 -16.51 20.86
CA GLU D 388 -15.17 -16.97 19.81
C GLU D 388 -15.90 -17.45 18.55
N ASP D 389 -17.20 -17.68 18.67
CA ASP D 389 -18.01 -18.14 17.54
C ASP D 389 -18.29 -17.06 16.50
N ASP D 390 -18.51 -17.50 15.27
CA ASP D 390 -18.80 -16.56 14.18
C ASP D 390 -20.16 -15.88 14.30
N LEU D 391 -20.18 -14.59 13.96
CA LEU D 391 -21.40 -13.80 14.00
C LEU D 391 -22.31 -14.31 12.89
N PHE D 392 -21.72 -14.53 11.72
CA PHE D 392 -22.45 -15.01 10.55
C PHE D 392 -22.19 -16.48 10.27
N ASP D 393 -22.77 -17.36 11.09
CA ASP D 393 -22.64 -18.80 10.86
C ASP D 393 -23.50 -19.04 9.61
N ARG D 394 -23.27 -20.11 8.87
CA ARG D 394 -24.04 -20.36 7.65
C ARG D 394 -23.71 -19.32 6.56
N LEU D 395 -22.58 -18.63 6.71
CA LEU D 395 -22.19 -17.64 5.72
C LEU D 395 -20.67 -17.54 5.54
N ASN D 396 -20.25 -17.49 4.29
CA ASN D 396 -18.84 -17.36 3.95
C ASN D 396 -18.72 -16.52 2.68
N THR D 397 -17.49 -16.13 2.35
CA THR D 397 -17.26 -15.32 1.16
C THR D 397 -17.73 -16.01 -0.12
N GLY D 398 -17.56 -17.31 -0.21
CA GLY D 398 -18.01 -18.05 -1.37
C GLY D 398 -19.52 -17.90 -1.61
N ILE D 399 -20.32 -18.04 -0.55
CA ILE D 399 -21.77 -17.92 -0.66
C ILE D 399 -22.17 -16.49 -0.99
N LEU D 400 -21.52 -15.52 -0.36
CA LEU D 400 -21.84 -14.13 -0.61
C LEU D 400 -21.54 -13.70 -2.05
N ASN D 401 -20.36 -14.08 -2.55
CA ASN D 401 -19.95 -13.74 -3.91
C ASN D 401 -20.79 -14.47 -4.96
N LYS D 402 -21.23 -15.68 -4.62
CA LYS D 402 -22.06 -16.48 -5.51
C LYS D 402 -23.37 -15.71 -5.73
N HIS D 403 -23.89 -15.13 -4.65
CA HIS D 403 -25.11 -14.34 -4.69
C HIS D 403 -24.90 -13.04 -5.48
N LEU D 404 -23.80 -12.35 -5.21
CA LEU D 404 -23.50 -11.10 -5.90
C LEU D 404 -23.38 -11.32 -7.40
N GLN D 405 -22.84 -12.49 -7.77
CA GLN D 405 -22.67 -12.88 -9.16
C GLN D 405 -24.05 -13.03 -9.83
N ASP D 406 -25.07 -13.35 -9.03
CA ASP D 406 -26.44 -13.49 -9.55
C ASP D 406 -27.01 -12.11 -9.85
N LEU D 407 -26.76 -11.18 -8.93
CA LEU D 407 -27.25 -9.81 -9.06
C LEU D 407 -26.66 -9.08 -10.26
N MET D 408 -25.36 -9.22 -10.47
CA MET D 408 -24.68 -8.56 -11.57
C MET D 408 -23.47 -9.37 -12.01
N GLU D 409 -23.32 -9.56 -13.31
CA GLU D 409 -22.20 -10.33 -13.84
C GLU D 409 -20.86 -9.69 -13.48
N GLY D 410 -19.98 -10.48 -12.87
CA GLY D 410 -18.69 -9.96 -12.51
C GLY D 410 -18.63 -9.19 -11.20
N LEU D 411 -19.75 -9.09 -10.50
CA LEU D 411 -19.77 -8.38 -9.22
C LEU D 411 -19.28 -9.28 -8.08
N THR D 412 -18.39 -8.74 -7.25
CA THR D 412 -17.85 -9.45 -6.08
C THR D 412 -17.79 -8.48 -4.91
N ALA D 413 -17.47 -8.99 -3.72
CA ALA D 413 -17.41 -8.15 -2.52
C ALA D 413 -16.56 -6.89 -2.61
N LYS D 414 -15.34 -7.02 -3.12
CA LYS D 414 -14.44 -5.87 -3.22
C LYS D 414 -14.84 -4.79 -4.22
N VAL D 415 -15.70 -5.12 -5.18
CA VAL D 415 -16.13 -4.12 -6.17
C VAL D 415 -16.81 -2.97 -5.42
N PHE D 416 -17.47 -3.28 -4.31
CA PHE D 416 -18.14 -2.26 -3.50
C PHE D 416 -17.17 -1.25 -2.94
N ARG D 417 -15.97 -1.71 -2.57
CA ARG D 417 -14.94 -0.84 -2.05
C ARG D 417 -14.47 0.13 -3.14
N THR D 418 -14.31 -0.39 -4.35
CA THR D 418 -13.87 0.41 -5.49
C THR D 418 -14.95 1.42 -5.85
N TYR D 419 -16.19 0.94 -5.91
CA TYR D 419 -17.32 1.80 -6.22
C TYR D 419 -17.50 2.91 -5.20
N ASN D 420 -17.60 2.54 -3.93
CA ASN D 420 -17.78 3.52 -2.86
C ASN D 420 -16.62 4.49 -2.78
N ALA D 421 -15.39 4.03 -2.97
CA ALA D 421 -14.25 4.94 -2.90
C ALA D 421 -14.30 5.93 -4.08
N SER D 422 -14.47 5.39 -5.29
CA SER D 422 -14.54 6.21 -6.50
C SER D 422 -15.69 7.23 -6.54
N ILE D 423 -16.89 6.80 -6.15
CA ILE D 423 -18.05 7.69 -6.14
C ILE D 423 -17.87 8.80 -5.11
N THR D 424 -17.25 8.48 -3.98
CA THR D 424 -16.98 9.44 -2.92
C THR D 424 -15.99 10.51 -3.40
N LEU D 425 -14.91 10.09 -4.08
CA LEU D 425 -13.93 11.05 -4.57
C LEU D 425 -14.57 12.03 -5.57
N GLN D 426 -15.26 11.48 -6.57
CA GLN D 426 -15.92 12.29 -7.60
C GLN D 426 -16.86 13.32 -6.98
N GLN D 427 -17.75 12.84 -6.13
CA GLN D 427 -18.72 13.66 -5.42
C GLN D 427 -18.04 14.75 -4.59
N GLN D 428 -17.06 14.37 -3.77
CA GLN D 428 -16.36 15.34 -2.94
C GLN D 428 -15.56 16.37 -3.73
N LEU D 429 -15.01 15.97 -4.87
CA LEU D 429 -14.26 16.91 -5.71
C LEU D 429 -15.23 17.93 -6.31
N LYS D 430 -16.43 17.47 -6.61
CA LYS D 430 -17.48 18.31 -7.18
C LYS D 430 -18.00 19.33 -6.16
N GLU D 431 -18.12 18.91 -4.90
CA GLU D 431 -18.63 19.76 -3.83
C GLU D 431 -17.61 20.69 -3.15
N LEU D 432 -16.34 20.31 -3.14
CA LEU D 432 -15.31 21.10 -2.47
C LEU D 432 -14.46 22.07 -3.31
N THR D 433 -14.34 21.83 -4.61
CA THR D 433 -13.53 22.68 -5.47
C THR D 433 -14.16 24.04 -5.74
N ALA D 434 -13.44 25.09 -5.34
CA ALA D 434 -13.88 26.46 -5.56
C ALA D 434 -13.25 26.95 -6.86
N PRO D 435 -14.07 27.43 -7.80
CA PRO D 435 -13.60 27.94 -9.10
C PRO D 435 -12.52 29.02 -9.07
N ASP D 436 -12.57 29.89 -8.07
CA ASP D 436 -11.62 31.00 -7.94
C ASP D 436 -10.26 30.69 -7.29
N GLU D 437 -10.21 29.61 -6.51
CA GLU D 437 -8.98 29.25 -5.81
C GLU D 437 -7.77 28.93 -6.68
N ASN D 438 -6.59 29.32 -6.19
CA ASN D 438 -5.34 29.07 -6.89
C ASN D 438 -4.98 27.59 -6.76
N ILE D 439 -4.00 27.15 -7.55
CA ILE D 439 -3.57 25.75 -7.53
C ILE D 439 -3.37 25.12 -6.15
N PRO D 440 -2.55 25.76 -5.27
CA PRO D 440 -2.31 25.22 -3.93
C PRO D 440 -3.61 24.91 -3.18
N ALA D 441 -4.57 25.83 -3.27
CA ALA D 441 -5.87 25.67 -2.61
C ALA D 441 -6.67 24.54 -3.24
N LYS D 442 -6.59 24.41 -4.55
CA LYS D 442 -7.30 23.33 -5.23
C LYS D 442 -6.69 21.99 -4.82
N ILE D 443 -5.38 21.97 -4.61
CA ILE D 443 -4.72 20.74 -4.19
C ILE D 443 -5.18 20.35 -2.79
N LEU D 444 -5.39 21.34 -1.92
CA LEU D 444 -5.88 21.09 -0.56
C LEU D 444 -7.25 20.41 -0.69
N SER D 445 -8.07 20.90 -1.61
CA SER D 445 -9.40 20.36 -1.85
C SER D 445 -9.32 18.93 -2.37
N TYR D 446 -8.38 18.69 -3.29
CA TYR D 446 -8.22 17.34 -3.83
C TYR D 446 -7.81 16.41 -2.68
N ASN D 447 -6.86 16.86 -1.86
CA ASN D 447 -6.38 16.06 -0.73
C ASN D 447 -7.48 15.79 0.30
N ARG D 448 -8.37 16.75 0.53
CA ARG D 448 -9.44 16.53 1.49
C ARG D 448 -10.41 15.48 0.95
N ALA D 449 -10.65 15.49 -0.35
CA ALA D 449 -11.55 14.53 -0.97
C ALA D 449 -10.96 13.13 -0.87
N ASN D 450 -9.65 13.05 -1.10
CA ASN D 450 -8.91 11.79 -1.04
C ASN D 450 -8.92 11.26 0.39
N ARG D 451 -8.83 12.19 1.33
CA ARG D 451 -8.82 11.89 2.75
C ARG D 451 -10.17 11.29 3.19
N ALA D 452 -11.25 11.78 2.62
CA ALA D 452 -12.59 11.27 2.93
C ALA D 452 -12.69 9.81 2.48
N VAL D 453 -12.01 9.48 1.39
CA VAL D 453 -11.99 8.11 0.87
C VAL D 453 -11.14 7.25 1.81
N ALA D 454 -9.98 7.78 2.20
CA ALA D 454 -9.07 7.05 3.07
C ALA D 454 -9.69 6.69 4.43
N ILE D 455 -10.37 7.66 5.04
CA ILE D 455 -11.03 7.46 6.33
C ILE D 455 -12.06 6.34 6.19
N LEU D 456 -12.80 6.39 5.10
CA LEU D 456 -13.85 5.40 4.81
C LEU D 456 -13.27 3.99 4.66
N CYS D 457 -12.16 3.88 3.91
CA CYS D 457 -11.47 2.61 3.68
C CYS D 457 -10.64 2.18 4.89
N ASN D 458 -10.65 3.00 5.94
CA ASN D 458 -9.88 2.77 7.17
C ASN D 458 -8.38 2.61 6.90
N HIS D 459 -7.87 3.39 5.97
CA HIS D 459 -6.44 3.34 5.66
C HIS D 459 -5.77 4.30 6.65
N GLN D 460 -5.84 3.91 7.92
CA GLN D 460 -5.28 4.68 9.01
C GLN D 460 -3.78 4.53 9.12
N ARG D 461 -3.18 5.46 9.84
CA ARG D 461 -1.75 5.52 10.04
C ARG D 461 -1.45 6.04 11.45
N ALA D 462 -0.30 5.65 11.99
CA ALA D 462 0.12 6.10 13.31
C ALA D 462 0.97 7.36 13.08
N PRO D 463 0.87 8.36 13.99
CA PRO D 463 1.63 9.61 13.88
C PRO D 463 3.11 9.37 13.61
N PRO D 464 3.62 9.92 12.49
CA PRO D 464 5.01 9.83 11.98
C PRO D 464 6.15 9.93 13.01
N LYS D 465 6.58 8.75 13.48
CA LYS D 465 7.66 8.55 14.45
C LYS D 465 8.36 9.81 15.01
N THR D 466 7.64 10.56 15.85
CA THR D 466 8.17 11.79 16.46
C THR D 466 8.59 12.87 15.46
N PHE D 467 8.70 12.50 14.19
CA PHE D 467 9.08 13.40 13.11
C PHE D 467 7.92 14.35 12.78
N GLU D 468 6.80 14.15 13.46
CA GLU D 468 5.61 14.97 13.28
C GLU D 468 5.87 16.39 13.78
N LYS D 469 6.86 16.52 14.65
CA LYS D 469 7.24 17.83 15.19
C LYS D 469 7.84 18.73 14.12
N SER D 470 7.85 18.26 12.88
CA SER D 470 8.35 19.04 11.74
C SER D 470 7.30 20.10 11.45
N MET D 471 6.23 20.07 12.25
CA MET D 471 5.13 21.01 12.16
C MET D 471 5.64 22.32 12.75
N MET D 472 6.62 22.21 13.64
CA MET D 472 7.24 23.36 14.29
C MET D 472 8.07 24.10 13.25
N ASN D 473 8.67 23.36 12.33
CA ASN D 473 9.50 23.94 11.27
C ASN D 473 8.65 24.77 10.30
N LEU D 474 7.45 24.29 10.00
CA LEU D 474 6.54 25.01 9.12
C LEU D 474 6.00 26.24 9.83
N GLN D 475 5.71 26.11 11.13
CA GLN D 475 5.20 27.21 11.92
C GLN D 475 6.18 28.38 11.98
N THR D 476 7.48 28.08 12.12
CA THR D 476 8.48 29.13 12.18
C THR D 476 8.58 29.81 10.81
N LYS D 477 8.44 29.03 9.74
CA LYS D 477 8.48 29.57 8.38
C LYS D 477 7.31 30.51 8.13
N ILE D 478 6.14 30.10 8.60
CA ILE D 478 4.93 30.90 8.44
C ILE D 478 5.09 32.20 9.22
N ASP D 479 5.68 32.12 10.41
CA ASP D 479 5.90 33.31 11.21
C ASP D 479 6.95 34.22 10.59
N ALA D 480 7.89 33.65 9.85
CA ALA D 480 8.90 34.47 9.19
C ALA D 480 8.23 35.22 8.06
N LYS D 481 7.37 34.53 7.33
CA LYS D 481 6.62 35.12 6.22
C LYS D 481 5.66 36.19 6.70
N LYS D 482 5.02 35.96 7.86
CA LYS D 482 4.10 36.96 8.41
C LYS D 482 4.85 38.25 8.74
N GLU D 483 6.15 38.12 9.00
CA GLU D 483 6.98 39.29 9.32
C GLU D 483 7.33 40.06 8.05
N GLN D 484 7.62 39.36 6.97
CA GLN D 484 7.93 40.01 5.69
C GLN D 484 6.67 40.75 5.23
N LEU D 485 5.52 40.08 5.32
CA LEU D 485 4.24 40.66 4.92
C LEU D 485 3.96 41.92 5.73
N ALA D 486 4.17 41.85 7.03
CA ALA D 486 3.94 43.01 7.90
C ALA D 486 4.89 44.17 7.53
N ASP D 487 6.11 43.83 7.12
CA ASP D 487 7.09 44.84 6.72
C ASP D 487 6.62 45.52 5.43
N ALA D 488 6.09 44.71 4.51
CA ALA D 488 5.59 45.23 3.24
C ALA D 488 4.37 46.13 3.45
N ARG D 489 3.61 45.88 4.52
CA ARG D 489 2.43 46.67 4.83
C ARG D 489 2.82 48.07 5.30
N ARG D 490 3.95 48.18 6.01
CA ARG D 490 4.42 49.48 6.49
C ARG D 490 4.96 50.27 5.32
N ASP D 491 5.60 49.58 4.37
CA ASP D 491 6.14 50.24 3.18
C ASP D 491 4.99 50.89 2.41
N LEU D 492 3.92 50.14 2.19
CA LEU D 492 2.74 50.61 1.48
C LEU D 492 2.04 51.71 2.28
N LYS D 493 1.97 51.52 3.59
CA LYS D 493 1.37 52.48 4.51
C LYS D 493 2.08 53.83 4.43
N SER D 494 3.42 53.81 4.35
CA SER D 494 4.20 55.05 4.25
C SER D 494 4.23 55.56 2.81
N ALA D 495 4.10 54.66 1.84
CA ALA D 495 4.10 55.04 0.43
C ALA D 495 2.82 55.83 0.13
N LYS D 496 1.71 55.41 0.74
CA LYS D 496 0.42 56.07 0.57
C LYS D 496 0.43 57.45 1.22
N ALA D 497 1.08 57.53 2.39
CA ALA D 497 1.19 58.77 3.14
C ALA D 497 2.01 59.79 2.34
N ASP D 498 3.05 59.30 1.67
CA ASP D 498 3.92 60.15 0.87
C ASP D 498 3.25 60.52 -0.46
N ALA D 499 2.20 59.78 -0.81
CA ALA D 499 1.46 60.04 -2.06
C ALA D 499 0.54 61.23 -1.87
N LYS D 500 0.08 61.45 -0.64
CA LYS D 500 -0.80 62.57 -0.31
C LYS D 500 -0.03 63.88 -0.49
N VAL D 501 1.09 64.00 0.22
CA VAL D 501 1.93 65.19 0.12
C VAL D 501 2.61 65.18 -1.25
N MET D 502 2.23 66.16 -2.08
CA MET D 502 2.77 66.30 -3.43
C MET D 502 2.31 65.11 -4.28
N LYS D 503 1.01 65.07 -4.55
CA LYS D 503 0.39 64.01 -5.33
C LYS D 503 0.81 64.03 -6.79
N ASP D 504 1.44 62.96 -7.24
CA ASP D 504 1.89 62.83 -8.63
C ASP D 504 1.93 61.37 -9.09
N ALA D 505 2.07 61.18 -10.40
CA ALA D 505 2.11 59.85 -11.00
C ALA D 505 3.38 59.05 -10.73
N LYS D 506 4.43 59.73 -10.25
CA LYS D 506 5.69 59.08 -9.95
C LYS D 506 5.57 58.33 -8.61
N THR D 507 4.94 58.98 -7.63
CA THR D 507 4.74 58.39 -6.31
C THR D 507 3.60 57.38 -6.39
N LYS D 508 2.70 57.57 -7.35
CA LYS D 508 1.57 56.69 -7.55
C LYS D 508 2.05 55.30 -8.02
N LYS D 509 3.06 55.30 -8.88
CA LYS D 509 3.62 54.05 -9.39
C LYS D 509 4.38 53.31 -8.30
N VAL D 510 4.81 54.03 -7.27
CA VAL D 510 5.52 53.43 -6.16
C VAL D 510 4.49 52.72 -5.28
N VAL D 511 3.32 53.34 -5.12
CA VAL D 511 2.23 52.77 -4.33
C VAL D 511 1.74 51.51 -5.05
N GLU D 512 1.87 51.51 -6.37
CA GLU D 512 1.47 50.38 -7.20
C GLU D 512 2.43 49.21 -6.96
N SER D 513 3.73 49.50 -7.05
CA SER D 513 4.77 48.50 -6.86
C SER D 513 4.85 47.96 -5.44
N LYS D 514 4.29 48.72 -4.48
CA LYS D 514 4.28 48.28 -3.08
C LYS D 514 3.09 47.36 -2.86
N LYS D 515 1.99 47.66 -3.54
CA LYS D 515 0.78 46.86 -3.44
C LYS D 515 1.06 45.47 -4.02
N LYS D 516 1.81 45.45 -5.13
CA LYS D 516 2.18 44.21 -5.81
C LYS D 516 3.04 43.33 -4.90
N ALA D 517 3.93 43.98 -4.17
CA ALA D 517 4.83 43.28 -3.25
C ALA D 517 4.05 42.70 -2.08
N VAL D 518 2.96 43.36 -1.69
CA VAL D 518 2.12 42.88 -0.61
C VAL D 518 1.32 41.68 -1.12
N GLN D 519 0.93 41.73 -2.40
CA GLN D 519 0.17 40.65 -3.02
C GLN D 519 0.94 39.34 -3.09
N ARG D 520 2.17 39.40 -3.61
CA ARG D 520 3.01 38.21 -3.74
C ARG D 520 3.24 37.56 -2.38
N LEU D 521 3.48 38.39 -1.36
CA LEU D 521 3.73 37.90 -0.01
C LEU D 521 2.49 37.25 0.59
N GLU D 522 1.31 37.80 0.27
CA GLU D 522 0.05 37.25 0.78
C GLU D 522 -0.18 35.87 0.17
N GLU D 523 0.16 35.71 -1.11
CA GLU D 523 0.01 34.43 -1.79
C GLU D 523 0.98 33.41 -1.22
N GLN D 524 2.22 33.81 -0.98
CA GLN D 524 3.24 32.91 -0.40
C GLN D 524 2.74 32.42 0.96
N LEU D 525 2.27 33.36 1.77
CA LEU D 525 1.75 33.04 3.10
C LEU D 525 0.58 32.06 2.97
N MET D 526 -0.37 32.39 2.10
CA MET D 526 -1.53 31.56 1.84
C MET D 526 -1.12 30.12 1.49
N LYS D 527 -0.11 30.01 0.63
CA LYS D 527 0.40 28.71 0.21
C LYS D 527 0.98 27.92 1.39
N LEU D 528 1.75 28.59 2.26
CA LEU D 528 2.33 27.93 3.42
C LEU D 528 1.25 27.51 4.40
N GLU D 529 0.28 28.38 4.65
CA GLU D 529 -0.81 28.06 5.57
C GLU D 529 -1.64 26.89 5.06
N VAL D 530 -1.80 26.80 3.74
CA VAL D 530 -2.54 25.71 3.13
C VAL D 530 -1.74 24.40 3.32
N GLN D 531 -0.42 24.48 3.14
CA GLN D 531 0.44 23.31 3.32
C GLN D 531 0.43 22.87 4.78
N ALA D 532 0.32 23.84 5.70
CA ALA D 532 0.29 23.54 7.13
C ALA D 532 -0.99 22.80 7.48
N THR D 533 -2.12 23.22 6.90
CA THR D 533 -3.42 22.59 7.11
C THR D 533 -3.43 21.18 6.52
N ASP D 534 -2.86 21.05 5.33
CA ASP D 534 -2.79 19.78 4.61
C ASP D 534 -2.10 18.70 5.46
N ARG D 535 -0.95 19.04 6.04
CA ARG D 535 -0.19 18.12 6.88
C ARG D 535 -0.90 17.74 8.17
N GLU D 536 -1.53 18.72 8.82
CA GLU D 536 -2.26 18.51 10.07
C GLU D 536 -3.38 17.50 9.91
N GLU D 537 -4.23 17.74 8.92
CA GLU D 537 -5.38 16.89 8.63
C GLU D 537 -4.97 15.49 8.16
N ASN D 538 -3.73 15.39 7.68
CA ASN D 538 -3.20 14.15 7.15
C ASN D 538 -2.20 13.47 8.09
N LYS D 539 -2.29 13.78 9.39
CA LYS D 539 -1.38 13.21 10.37
C LYS D 539 -1.56 11.71 10.57
N GLN D 540 -2.79 11.27 10.73
CA GLN D 540 -3.10 9.86 10.94
C GLN D 540 -3.75 9.15 9.75
N ILE D 541 -3.57 9.70 8.56
CA ILE D 541 -4.17 9.11 7.37
C ILE D 541 -3.14 8.77 6.29
N ALA D 542 -3.32 7.61 5.66
CA ALA D 542 -2.44 7.17 4.59
C ALA D 542 -3.22 7.27 3.28
N LEU D 543 -2.82 8.19 2.40
CA LEU D 543 -3.51 8.37 1.12
C LEU D 543 -3.08 7.44 0.00
N GLY D 544 -1.84 6.95 0.10
CA GLY D 544 -1.28 6.07 -0.92
C GLY D 544 -2.09 4.93 -1.49
N THR D 545 -2.67 4.09 -0.62
CA THR D 545 -3.42 2.92 -1.08
C THR D 545 -4.65 3.18 -1.91
N SER D 546 -5.48 4.14 -1.48
CA SER D 546 -6.68 4.48 -2.23
C SER D 546 -6.28 5.10 -3.56
N LYS D 547 -5.30 5.99 -3.50
CA LYS D 547 -4.80 6.70 -4.67
C LYS D 547 -4.38 5.75 -5.80
N LEU D 548 -3.65 4.71 -5.44
CA LEU D 548 -3.18 3.77 -6.44
C LEU D 548 -4.08 2.55 -6.70
N ASN D 549 -4.94 2.20 -5.75
CA ASN D 549 -5.75 1.00 -5.93
C ASN D 549 -7.27 1.11 -5.92
N LEU D 551 -9.18 4.37 -6.49
CA LEU D 551 -9.75 5.50 -7.21
C LEU D 551 -9.53 5.49 -8.72
N ASP D 552 -10.62 5.47 -9.47
CA ASP D 552 -10.57 5.50 -10.93
C ASP D 552 -9.75 6.74 -11.28
N PRO D 553 -8.56 6.56 -11.88
CA PRO D 553 -7.66 7.65 -12.27
C PRO D 553 -8.31 8.67 -13.19
N ARG D 554 -9.26 8.25 -14.01
CA ARG D 554 -9.95 9.17 -14.92
C ARG D 554 -10.68 10.29 -14.17
N ILE D 555 -11.18 9.99 -12.97
CA ILE D 555 -11.85 11.00 -12.14
C ILE D 555 -10.85 12.12 -11.86
N THR D 556 -9.64 11.72 -11.47
CA THR D 556 -8.58 12.65 -11.15
C THR D 556 -8.12 13.40 -12.40
N VAL D 557 -7.93 12.67 -13.49
CA VAL D 557 -7.51 13.28 -14.74
C VAL D 557 -8.52 14.33 -15.21
N ALA D 558 -9.81 13.99 -15.17
CA ALA D 558 -10.87 14.93 -15.59
C ALA D 558 -10.81 16.19 -14.76
N TRP D 559 -10.64 16.03 -13.44
CA TRP D 559 -10.57 17.15 -12.52
C TRP D 559 -9.40 18.07 -12.82
N CYS D 560 -8.23 17.48 -13.08
CA CYS D 560 -7.03 18.25 -13.38
C CYS D 560 -7.18 19.06 -14.66
N LYS D 561 -7.66 18.42 -15.72
CA LYS D 561 -7.87 19.09 -17.00
C LYS D 561 -8.92 20.21 -16.87
N LYS D 562 -10.00 19.92 -16.16
CA LYS D 562 -11.08 20.88 -15.94
C LYS D 562 -10.62 22.15 -15.21
N TRP D 563 -9.85 21.99 -14.15
CA TRP D 563 -9.39 23.17 -13.40
C TRP D 563 -8.01 23.68 -13.76
N GLY D 564 -7.36 23.04 -14.73
CA GLY D 564 -6.03 23.47 -15.14
C GLY D 564 -4.94 23.15 -14.13
N VAL D 565 -5.11 22.06 -13.41
CA VAL D 565 -4.12 21.63 -12.42
C VAL D 565 -3.19 20.63 -13.10
N PRO D 566 -1.90 20.99 -13.26
CA PRO D 566 -0.96 20.06 -13.90
C PRO D 566 -0.96 18.71 -13.18
N ILE D 567 -1.18 17.64 -13.95
CA ILE D 567 -1.25 16.28 -13.43
C ILE D 567 -0.03 15.89 -12.56
N GLU D 568 1.12 16.50 -12.83
CA GLU D 568 2.33 16.22 -12.06
C GLU D 568 2.22 16.68 -10.61
N LYS D 569 1.23 17.53 -10.34
CA LYS D 569 1.00 18.01 -8.98
C LYS D 569 0.27 16.95 -8.18
N ILE D 570 -0.44 16.07 -8.88
CA ILE D 570 -1.19 15.00 -8.23
C ILE D 570 -0.52 13.63 -8.33
N TYR D 571 -0.01 13.29 -9.50
CA TYR D 571 0.64 12.00 -9.71
C TYR D 571 2.14 12.20 -10.02
N ASN D 572 2.99 11.44 -9.34
CA ASN D 572 4.42 11.49 -9.60
C ASN D 572 4.72 10.68 -10.86
N LYS D 573 6.00 10.63 -11.23
CA LYS D 573 6.47 9.91 -12.41
C LYS D 573 5.98 8.46 -12.54
N THR D 574 6.21 7.65 -11.51
CA THR D 574 5.80 6.25 -11.56
C THR D 574 4.28 6.09 -11.67
N GLN D 575 3.55 6.97 -11.00
CA GLN D 575 2.09 6.95 -11.03
C GLN D 575 1.57 7.41 -12.38
N ARG D 576 2.30 8.33 -12.99
CA ARG D 576 1.96 8.87 -14.31
C ARG D 576 2.12 7.79 -15.37
N GLU D 577 3.06 6.87 -15.14
CA GLU D 577 3.30 5.76 -16.06
C GLU D 577 2.22 4.68 -15.87
N LYS D 578 1.87 4.40 -14.62
CA LYS D 578 0.84 3.40 -14.33
C LYS D 578 -0.52 3.83 -14.89
N PHE D 579 -0.82 5.12 -14.80
CA PHE D 579 -2.09 5.66 -15.26
C PHE D 579 -2.07 6.34 -16.63
N ALA D 580 -1.08 5.97 -17.46
CA ALA D 580 -0.97 6.57 -18.80
C ALA D 580 -2.28 6.40 -19.56
N TRP D 581 -2.88 5.23 -19.48
CA TRP D 581 -4.14 5.00 -20.17
C TRP D 581 -5.22 6.02 -19.80
N ALA D 582 -5.34 6.33 -18.51
CA ALA D 582 -6.34 7.29 -18.06
C ALA D 582 -6.01 8.72 -18.45
N ILE D 583 -4.73 9.08 -18.37
CA ILE D 583 -4.28 10.43 -18.70
C ILE D 583 -4.52 10.77 -20.17
N ASP D 584 -4.34 9.80 -21.05
CA ASP D 584 -4.54 9.99 -22.48
C ASP D 584 -6.02 9.85 -22.88
N MET D 585 -6.70 8.87 -22.29
CA MET D 585 -8.08 8.58 -22.62
C MET D 585 -9.08 8.97 -21.52
N ALA D 586 -9.32 10.28 -21.40
CA ALA D 586 -10.24 10.85 -20.42
C ALA D 586 -10.23 12.37 -20.53
N ASP D 587 -11.38 12.93 -20.87
CA ASP D 587 -11.53 14.37 -21.00
C ASP D 587 -12.07 15.00 -19.72
N GLU D 588 -12.19 16.34 -19.73
CA GLU D 588 -12.69 17.07 -18.58
C GLU D 588 -14.13 16.71 -18.21
N ASP D 589 -14.84 16.07 -19.13
CA ASP D 589 -16.23 15.69 -18.90
C ASP D 589 -16.44 14.23 -18.47
N TYR D 590 -15.36 13.53 -18.12
CA TYR D 590 -15.49 12.15 -17.69
C TYR D 590 -16.32 12.06 -16.42
N GLU D 591 -17.26 11.12 -16.39
CA GLU D 591 -18.09 10.91 -15.23
C GLU D 591 -18.06 9.44 -14.85
N PHE D 592 -17.63 9.16 -13.63
CA PHE D 592 -17.58 7.79 -13.16
C PHE D 592 -19.04 7.34 -13.04
#